data_7CHX
#
_entry.id   7CHX
#
_cell.length_a   77.124
_cell.length_b   77.124
_cell.length_c   35.319
_cell.angle_alpha   90.000
_cell.angle_beta   90.000
_cell.angle_gamma   90.000
#
_symmetry.space_group_name_H-M   'P 43'
#
loop_
_entity.id
_entity.type
_entity.pdbx_description
1 polymer Acylphosphatase
2 water water
#
_entity_poly.entity_id   1
_entity_poly.type   'polypeptide(L)'
_entity_poly.pdbx_seq_one_letter_code
;MNHKVHHHHHHIEGRHMRHIHLQVFGRVQGVGFRYFTQRIAMNYNIVGTVQNVDDYVEIYAQGDDADIERFIQGVIEGAS
PASNVTSHQLEELELNQKLSDFRSI
;
_entity_poly.pdbx_strand_id   A,B
#
# COMPACT_ATOMS: atom_id res chain seq x y z
N ARG A 15 7.14 19.78 26.25
CA ARG A 15 8.16 19.52 25.21
C ARG A 15 7.54 19.74 23.83
N HIS A 16 8.09 20.67 23.06
CA HIS A 16 7.51 21.06 21.74
C HIS A 16 7.63 19.89 20.76
N MET A 17 8.79 19.21 20.74
CA MET A 17 9.11 18.09 19.82
C MET A 17 9.31 16.80 20.61
N ARG A 18 9.07 15.68 19.94
CA ARG A 18 9.39 14.33 20.47
C ARG A 18 10.10 13.49 19.40
N HIS A 19 10.86 12.52 19.88
CA HIS A 19 11.53 11.45 19.09
C HIS A 19 11.12 10.13 19.74
N ILE A 20 10.55 9.20 18.97
CA ILE A 20 10.02 7.92 19.51
C ILE A 20 10.59 6.74 18.72
N HIS A 21 10.69 5.62 19.41
CA HIS A 21 10.92 4.28 18.83
C HIS A 21 9.60 3.52 18.85
N LEU A 22 9.06 3.14 17.70
CA LEU A 22 7.73 2.47 17.65
C LEU A 22 7.91 1.14 16.91
N GLN A 23 7.64 0.06 17.62
CA GLN A 23 7.62 -1.30 17.03
C GLN A 23 6.17 -1.70 16.84
N VAL A 24 5.82 -2.17 15.64
CA VAL A 24 4.41 -2.51 15.33
C VAL A 24 4.41 -3.98 14.95
N PHE A 25 3.44 -4.71 15.46
CA PHE A 25 3.35 -6.18 15.35
C PHE A 25 1.98 -6.57 14.83
N GLY A 26 1.93 -7.75 14.21
CA GLY A 26 0.71 -8.34 13.64
C GLY A 26 0.92 -8.64 12.18
N ARG A 27 -0.09 -8.35 11.36
CA ARG A 27 -0.04 -8.50 9.89
C ARG A 27 0.47 -7.17 9.37
N VAL A 28 1.80 -7.00 9.40
CA VAL A 28 2.45 -5.68 9.14
C VAL A 28 3.53 -5.84 8.06
N GLN A 29 3.74 -7.05 7.52
CA GLN A 29 4.60 -7.23 6.32
C GLN A 29 3.76 -7.78 5.16
N GLY A 30 4.24 -7.52 3.95
CA GLY A 30 3.55 -7.85 2.69
C GLY A 30 2.21 -7.14 2.58
N VAL A 31 2.10 -5.90 3.07
CA VAL A 31 0.82 -5.12 3.00
C VAL A 31 1.09 -3.64 2.66
N GLY A 32 2.23 -3.31 2.04
CA GLY A 32 2.56 -1.90 1.74
C GLY A 32 2.72 -1.06 3.00
N PHE A 33 3.05 -1.67 4.14
CA PHE A 33 3.11 -0.93 5.42
C PHE A 33 4.09 0.26 5.33
N ARG A 34 5.27 0.05 4.75
CA ARG A 34 6.37 1.06 4.74
C ARG A 34 5.91 2.20 3.84
N TYR A 35 5.33 1.90 2.66
CA TYR A 35 4.88 2.95 1.73
C TYR A 35 3.76 3.77 2.37
N PHE A 36 2.76 3.12 2.98
CA PHE A 36 1.62 3.80 3.66
C PHE A 36 2.11 4.59 4.88
N THR A 37 3.12 4.11 5.60
CA THR A 37 3.66 4.84 6.77
C THR A 37 4.29 6.15 6.29
N GLN A 38 5.01 6.12 5.17
CA GLN A 38 5.62 7.31 4.53
C GLN A 38 4.55 8.41 4.33
N ARG A 39 3.35 8.06 3.84
CA ARG A 39 2.31 9.09 3.55
C ARG A 39 1.87 9.72 4.87
N ILE A 40 1.76 8.93 5.92
CA ILE A 40 1.41 9.44 7.28
C ILE A 40 2.54 10.34 7.77
N ALA A 41 3.81 9.95 7.58
CA ALA A 41 4.95 10.81 7.97
C ALA A 41 4.87 12.13 7.22
N MET A 42 4.54 12.09 5.94
CA MET A 42 4.43 13.37 5.18
C MET A 42 3.27 14.20 5.70
N ASN A 43 2.14 13.59 6.02
CA ASN A 43 0.94 14.34 6.50
C ASN A 43 1.25 15.18 7.74
N TYR A 44 2.08 14.67 8.67
CA TYR A 44 2.24 15.28 10.01
C TYR A 44 3.67 15.83 10.20
N ASN A 45 4.43 16.04 9.11
CA ASN A 45 5.77 16.69 9.15
C ASN A 45 6.69 15.86 10.05
N ILE A 46 6.77 14.55 9.82
CA ILE A 46 7.56 13.60 10.65
C ILE A 46 8.84 13.26 9.89
N VAL A 47 9.94 13.20 10.62
CA VAL A 47 11.25 12.71 10.09
C VAL A 47 11.60 11.41 10.81
N GLY A 48 12.49 10.63 10.23
CA GLY A 48 12.88 9.33 10.79
C GLY A 48 12.84 8.25 9.74
N THR A 49 12.51 7.02 10.16
CA THR A 49 12.69 5.82 9.32
C THR A 49 11.55 4.82 9.57
N VAL A 50 11.20 4.05 8.54
CA VAL A 50 10.41 2.81 8.69
C VAL A 50 11.20 1.64 8.06
N GLN A 51 11.23 0.49 8.73
CA GLN A 51 12.01 -0.69 8.29
C GLN A 51 11.29 -1.99 8.68
N ASN A 52 11.33 -2.98 7.79
CA ASN A 52 11.05 -4.39 8.11
C ASN A 52 12.18 -4.94 8.99
N VAL A 53 11.81 -5.48 10.15
CA VAL A 53 12.81 -6.12 11.06
C VAL A 53 12.23 -7.48 11.42
N ASP A 54 12.94 -8.57 11.12
CA ASP A 54 12.38 -9.93 11.32
C ASP A 54 11.00 -9.94 10.64
N ASP A 55 9.90 -10.23 11.36
CA ASP A 55 8.53 -10.31 10.76
C ASP A 55 7.66 -9.13 11.21
N TYR A 56 8.26 -8.05 11.71
CA TYR A 56 7.50 -6.89 12.21
C TYR A 56 8.07 -5.61 11.58
N VAL A 57 7.61 -4.46 12.04
CA VAL A 57 8.02 -3.15 11.48
C VAL A 57 8.57 -2.31 12.64
N GLU A 58 9.71 -1.68 12.40
CA GLU A 58 10.32 -0.73 13.36
C GLU A 58 10.35 0.67 12.73
N ILE A 59 9.95 1.64 13.53
CA ILE A 59 9.90 3.08 13.17
C ILE A 59 10.68 3.90 14.22
N TYR A 60 11.46 4.85 13.72
CA TYR A 60 11.97 6.02 14.46
C TYR A 60 11.27 7.24 13.88
N ALA A 61 10.67 8.07 14.74
CA ALA A 61 9.79 9.16 14.30
C ALA A 61 10.04 10.37 15.18
N GLN A 62 10.25 11.52 14.55
CA GLN A 62 10.54 12.78 15.26
C GLN A 62 9.67 13.87 14.63
N GLY A 63 9.13 14.71 15.48
CA GLY A 63 8.32 15.85 15.05
C GLY A 63 7.71 16.54 16.24
N ASP A 64 6.87 17.51 15.95
CA ASP A 64 6.14 18.23 17.02
C ASP A 64 5.27 17.21 17.75
N ASP A 65 5.04 17.42 19.05
CA ASP A 65 4.26 16.55 19.96
C ASP A 65 2.93 16.11 19.32
N ALA A 66 2.06 17.01 18.90
CA ALA A 66 0.72 16.64 18.39
C ALA A 66 0.89 15.84 17.09
N ASP A 67 1.78 16.29 16.21
CA ASP A 67 2.08 15.57 14.95
C ASP A 67 2.53 14.13 15.25
N ILE A 68 3.41 13.91 16.23
CA ILE A 68 3.83 12.54 16.64
C ILE A 68 2.61 11.73 17.09
N GLU A 69 1.73 12.31 17.90
CA GLU A 69 0.46 11.66 18.34
C GLU A 69 -0.37 11.26 17.11
N ARG A 70 -0.52 12.16 16.14
CA ARG A 70 -1.32 11.90 14.92
C ARG A 70 -0.66 10.74 14.15
N PHE A 71 0.66 10.76 14.09
CA PHE A 71 1.46 9.78 13.32
C PHE A 71 1.28 8.42 13.98
N ILE A 72 1.47 8.34 15.30
CA ILE A 72 1.35 7.05 16.05
C ILE A 72 -0.04 6.46 15.75
N GLN A 73 -1.09 7.26 15.89
CA GLN A 73 -2.46 6.75 15.75
C GLN A 73 -2.65 6.24 14.32
N GLY A 74 -2.23 7.01 13.33
CA GLY A 74 -2.41 6.60 11.93
C GLY A 74 -1.72 5.27 11.66
N VAL A 75 -0.53 5.06 12.22
CA VAL A 75 0.24 3.80 12.04
C VAL A 75 -0.47 2.65 12.79
N ILE A 76 -0.80 2.81 14.07
CA ILE A 76 -1.29 1.67 14.91
C ILE A 76 -2.76 1.34 14.61
N GLU A 77 -3.51 2.25 14.00
CA GLU A 77 -4.88 1.94 13.50
C GLU A 77 -4.78 1.24 12.13
N GLY A 78 -3.56 0.96 11.67
CA GLY A 78 -3.31 0.22 10.43
C GLY A 78 -2.90 1.17 9.33
N ALA A 79 -1.60 1.42 9.20
CA ALA A 79 -1.06 2.37 8.21
C ALA A 79 -1.63 1.99 6.83
N SER A 80 -1.63 0.68 6.53
CA SER A 80 -2.15 0.08 5.29
C SER A 80 -3.55 -0.47 5.55
N PRO A 81 -4.47 -0.33 4.59
CA PRO A 81 -5.78 -0.96 4.72
C PRO A 81 -5.69 -2.49 4.80
N ALA A 82 -4.59 -3.08 4.31
CA ALA A 82 -4.39 -4.54 4.31
C ALA A 82 -3.77 -5.00 5.64
N SER A 83 -3.32 -4.05 6.47
CA SER A 83 -2.57 -4.39 7.70
C SER A 83 -3.55 -4.75 8.81
N ASN A 84 -3.09 -5.53 9.78
CA ASN A 84 -3.81 -5.70 11.05
C ASN A 84 -2.75 -5.59 12.14
N VAL A 85 -2.71 -4.44 12.79
CA VAL A 85 -1.76 -4.19 13.92
C VAL A 85 -2.39 -4.78 15.18
N THR A 86 -1.71 -5.75 15.78
CA THR A 86 -2.20 -6.49 16.97
C THR A 86 -1.67 -5.88 18.25
N SER A 87 -0.47 -5.29 18.19
CA SER A 87 0.34 -4.84 19.34
C SER A 87 1.30 -3.75 18.85
N HIS A 88 1.74 -2.88 19.75
CA HIS A 88 2.86 -1.96 19.47
C HIS A 88 3.60 -1.73 20.79
N GLN A 89 4.87 -1.35 20.68
CA GLN A 89 5.72 -0.89 21.78
C GLN A 89 6.25 0.49 21.39
N LEU A 90 6.16 1.43 22.31
CA LEU A 90 6.58 2.84 22.13
C LEU A 90 7.66 3.12 23.19
N GLU A 91 8.78 3.71 22.81
CA GLU A 91 9.78 4.27 23.76
C GLU A 91 10.08 5.73 23.41
N GLU A 92 10.13 6.57 24.43
CA GLU A 92 10.43 8.00 24.29
C GLU A 92 11.96 8.14 24.26
N LEU A 93 12.47 8.85 23.26
CA LEU A 93 13.93 9.02 23.02
C LEU A 93 14.31 10.49 23.18
N GLU A 94 15.61 10.70 23.40
CA GLU A 94 16.25 12.02 23.21
C GLU A 94 16.12 12.40 21.75
N LEU A 95 16.00 13.69 21.47
CA LEU A 95 15.90 14.17 20.08
C LEU A 95 17.18 13.79 19.31
N ASN A 96 16.99 13.53 18.02
CA ASN A 96 18.06 13.18 17.05
C ASN A 96 18.14 14.33 16.05
N GLN A 97 19.10 15.25 16.21
CA GLN A 97 19.19 16.47 15.36
C GLN A 97 19.81 16.15 13.99
N LYS A 98 20.18 14.90 13.68
CA LYS A 98 20.72 14.55 12.33
C LYS A 98 19.57 14.16 11.38
N LEU A 99 18.33 13.98 11.87
CA LEU A 99 17.16 13.60 11.03
C LEU A 99 16.70 14.84 10.27
N SER A 100 16.45 14.74 8.96
CA SER A 100 15.93 15.86 8.12
C SER A 100 14.81 15.42 7.17
N ASP A 101 14.59 14.10 7.02
CA ASP A 101 13.45 13.58 6.21
C ASP A 101 12.94 12.27 6.83
N PHE A 102 11.90 11.70 6.23
CA PHE A 102 11.36 10.36 6.55
C PHE A 102 11.65 9.44 5.36
N ARG A 103 12.26 8.30 5.68
CA ARG A 103 12.80 7.31 4.70
C ARG A 103 12.27 5.91 4.99
N SER A 104 11.92 5.17 3.94
CA SER A 104 11.72 3.70 3.99
C SER A 104 13.09 3.04 3.78
N ILE A 105 13.59 2.31 4.78
CA ILE A 105 14.87 1.55 4.73
C ILE A 105 14.61 0.05 4.91
N ARG B 15 -24.34 3.03 -15.99
CA ARG B 15 -23.08 3.44 -16.64
C ARG B 15 -22.50 2.26 -17.44
N HIS B 16 -22.24 2.45 -18.72
CA HIS B 16 -21.81 1.39 -19.67
C HIS B 16 -20.41 0.92 -19.28
N MET B 17 -19.53 1.89 -18.99
CA MET B 17 -18.09 1.63 -18.63
C MET B 17 -17.79 2.12 -17.22
N ARG B 18 -16.74 1.53 -16.66
CA ARG B 18 -16.16 1.90 -15.36
C ARG B 18 -14.64 2.04 -15.47
N HIS B 19 -14.11 2.80 -14.54
CA HIS B 19 -12.66 2.94 -14.30
C HIS B 19 -12.44 2.78 -12.81
N ILE B 20 -11.52 1.89 -12.43
CA ILE B 20 -11.30 1.50 -11.01
C ILE B 20 -9.80 1.58 -10.72
N HIS B 21 -9.52 1.92 -9.46
CA HIS B 21 -8.21 1.76 -8.81
C HIS B 21 -8.31 0.52 -7.92
N LEU B 22 -7.47 -0.49 -8.18
CA LEU B 22 -7.45 -1.76 -7.42
C LEU B 22 -6.04 -1.96 -6.89
N GLN B 23 -5.92 -1.98 -5.59
CA GLN B 23 -4.67 -2.38 -4.91
C GLN B 23 -4.86 -3.78 -4.38
N VAL B 24 -3.87 -4.66 -4.63
CA VAL B 24 -3.98 -6.09 -4.27
C VAL B 24 -2.77 -6.40 -3.39
N PHE B 25 -2.99 -7.13 -2.30
CA PHE B 25 -1.96 -7.48 -1.30
C PHE B 25 -1.89 -8.99 -1.13
N GLY B 26 -0.68 -9.47 -0.80
CA GLY B 26 -0.42 -10.84 -0.33
C GLY B 26 0.81 -11.40 -1.03
N ARG B 27 0.76 -12.65 -1.47
CA ARG B 27 1.87 -13.22 -2.28
C ARG B 27 1.62 -12.75 -3.72
N VAL B 28 2.15 -11.59 -4.09
CA VAL B 28 1.84 -10.90 -5.37
C VAL B 28 3.15 -10.50 -6.09
N GLN B 29 4.33 -10.83 -5.55
CA GLN B 29 5.65 -10.58 -6.21
C GLN B 29 6.38 -11.93 -6.37
N GLY B 30 7.14 -12.12 -7.46
CA GLY B 30 7.83 -13.38 -7.82
C GLY B 30 6.90 -14.40 -8.47
N VAL B 31 5.66 -14.01 -8.79
CA VAL B 31 4.59 -14.98 -9.18
C VAL B 31 4.01 -14.62 -10.54
N GLY B 32 4.67 -13.74 -11.30
CA GLY B 32 4.16 -13.33 -12.62
C GLY B 32 2.87 -12.53 -12.51
N PHE B 33 2.66 -11.78 -11.42
CA PHE B 33 1.36 -11.11 -11.19
C PHE B 33 1.03 -10.16 -12.35
N ARG B 34 2.01 -9.36 -12.80
CA ARG B 34 1.80 -8.33 -13.86
C ARG B 34 1.45 -9.03 -15.18
N TYR B 35 2.23 -10.05 -15.60
CA TYR B 35 2.04 -10.83 -16.85
C TYR B 35 0.66 -11.50 -16.82
N PHE B 36 0.30 -12.19 -15.75
CA PHE B 36 -0.99 -12.91 -15.66
C PHE B 36 -2.15 -11.90 -15.63
N THR B 37 -1.96 -10.73 -15.01
CA THR B 37 -3.01 -9.69 -14.99
C THR B 37 -3.23 -9.18 -16.40
N GLN B 38 -2.16 -9.02 -17.18
CA GLN B 38 -2.28 -8.63 -18.61
C GLN B 38 -3.17 -9.62 -19.39
N ARG B 39 -3.05 -10.93 -19.15
CA ARG B 39 -3.90 -11.94 -19.85
C ARG B 39 -5.37 -11.69 -19.50
N ILE B 40 -5.66 -11.44 -18.23
CA ILE B 40 -7.07 -11.22 -17.79
C ILE B 40 -7.58 -9.93 -18.45
N ALA B 41 -6.76 -8.88 -18.52
CA ALA B 41 -7.15 -7.61 -19.16
C ALA B 41 -7.50 -7.92 -20.62
N MET B 42 -6.68 -8.72 -21.30
CA MET B 42 -6.93 -9.08 -22.73
C MET B 42 -8.24 -9.87 -22.84
N ASN B 43 -8.50 -10.82 -21.94
CA ASN B 43 -9.74 -11.63 -21.96
C ASN B 43 -11.00 -10.77 -21.91
N TYR B 44 -11.00 -9.69 -21.13
CA TYR B 44 -12.24 -8.93 -20.82
C TYR B 44 -12.17 -7.53 -21.43
N ASN B 45 -11.31 -7.30 -22.41
CA ASN B 45 -11.18 -5.99 -23.13
C ASN B 45 -11.06 -4.86 -22.10
N ILE B 46 -10.04 -4.95 -21.27
CA ILE B 46 -9.76 -3.94 -20.22
C ILE B 46 -8.54 -3.13 -20.66
N VAL B 47 -8.56 -1.83 -20.38
CA VAL B 47 -7.39 -0.94 -20.61
C VAL B 47 -6.93 -0.39 -19.25
N GLY B 48 -5.69 0.09 -19.21
CA GLY B 48 -5.07 0.61 -17.98
C GLY B 48 -3.69 0.05 -17.71
N THR B 49 -3.36 -0.17 -16.44
CA THR B 49 -1.96 -0.44 -16.03
C THR B 49 -1.90 -1.40 -14.84
N VAL B 50 -0.83 -2.19 -14.77
CA VAL B 50 -0.50 -3.00 -13.58
C VAL B 50 0.97 -2.69 -13.22
N GLN B 51 1.24 -2.48 -11.93
CA GLN B 51 2.56 -2.03 -11.46
C GLN B 51 2.83 -2.63 -10.08
N ASN B 52 4.08 -3.01 -9.84
CA ASN B 52 4.62 -3.24 -8.48
C ASN B 52 4.80 -1.90 -7.76
N VAL B 53 4.23 -1.76 -6.58
CA VAL B 53 4.39 -0.57 -5.71
C VAL B 53 4.78 -1.11 -4.35
N ASP B 54 6.00 -0.79 -3.90
CA ASP B 54 6.52 -1.36 -2.62
C ASP B 54 6.39 -2.89 -2.74
N ASP B 55 5.69 -3.55 -1.80
CA ASP B 55 5.53 -5.03 -1.77
C ASP B 55 4.11 -5.45 -2.17
N TYR B 56 3.39 -4.60 -2.88
CA TYR B 56 2.03 -4.94 -3.35
C TYR B 56 1.89 -4.61 -4.85
N VAL B 57 0.67 -4.77 -5.38
CA VAL B 57 0.39 -4.49 -6.81
C VAL B 57 -0.72 -3.42 -6.87
N GLU B 58 -0.52 -2.43 -7.73
CA GLU B 58 -1.52 -1.38 -8.05
C GLU B 58 -1.97 -1.52 -9.50
N ILE B 59 -3.29 -1.47 -9.68
CA ILE B 59 -3.94 -1.58 -11.01
C ILE B 59 -4.86 -0.37 -11.21
N TYR B 60 -4.81 0.19 -12.41
CA TYR B 60 -5.91 1.01 -12.96
C TYR B 60 -6.52 0.23 -14.11
N ALA B 61 -7.84 0.08 -14.11
CA ALA B 61 -8.53 -0.78 -15.07
C ALA B 61 -9.78 -0.06 -15.54
N GLN B 62 -10.03 -0.10 -16.85
CA GLN B 62 -11.20 0.58 -17.44
C GLN B 62 -11.79 -0.34 -18.51
N GLY B 63 -13.12 -0.40 -18.55
CA GLY B 63 -13.85 -1.25 -19.49
C GLY B 63 -15.34 -1.22 -19.22
N ASP B 64 -16.07 -2.05 -19.95
CA ASP B 64 -17.51 -2.24 -19.74
C ASP B 64 -17.74 -2.75 -18.31
N ASP B 65 -18.82 -2.31 -17.67
CA ASP B 65 -19.19 -2.68 -16.28
C ASP B 65 -18.97 -4.19 -16.05
N ALA B 66 -19.63 -5.07 -16.80
CA ALA B 66 -19.54 -6.53 -16.52
C ALA B 66 -18.09 -7.02 -16.76
N ASP B 67 -17.40 -6.48 -17.75
CA ASP B 67 -15.99 -6.89 -18.01
C ASP B 67 -15.12 -6.47 -16.82
N ILE B 68 -15.35 -5.31 -16.23
CA ILE B 68 -14.60 -4.89 -15.01
C ILE B 68 -14.85 -5.90 -13.88
N GLU B 69 -16.07 -6.36 -13.68
CA GLU B 69 -16.41 -7.38 -12.64
C GLU B 69 -15.61 -8.67 -12.89
N ARG B 70 -15.60 -9.14 -14.14
CA ARG B 70 -14.87 -10.37 -14.52
C ARG B 70 -13.39 -10.13 -14.23
N PHE B 71 -12.86 -8.98 -14.63
CA PHE B 71 -11.44 -8.63 -14.41
C PHE B 71 -11.12 -8.63 -12.92
N ILE B 72 -11.90 -7.91 -12.12
CA ILE B 72 -11.65 -7.81 -10.66
C ILE B 72 -11.58 -9.22 -10.08
N GLN B 73 -12.57 -10.04 -10.41
CA GLN B 73 -12.68 -11.41 -9.85
C GLN B 73 -11.44 -12.19 -10.25
N GLY B 74 -11.05 -12.16 -11.52
CA GLY B 74 -9.90 -12.94 -11.99
C GLY B 74 -8.64 -12.52 -11.24
N VAL B 75 -8.46 -11.22 -10.99
CA VAL B 75 -7.26 -10.70 -10.29
C VAL B 75 -7.33 -11.13 -8.83
N ILE B 76 -8.45 -10.91 -8.14
CA ILE B 76 -8.47 -11.09 -6.65
C ILE B 76 -8.56 -12.60 -6.32
N GLU B 77 -9.01 -13.48 -7.23
CA GLU B 77 -8.99 -14.96 -7.00
C GLU B 77 -7.60 -15.51 -7.33
N GLY B 78 -6.65 -14.60 -7.61
CA GLY B 78 -5.25 -14.92 -7.90
C GLY B 78 -5.00 -14.90 -9.39
N ALA B 79 -4.53 -13.76 -9.90
CA ALA B 79 -4.22 -13.56 -11.33
C ALA B 79 -3.32 -14.70 -11.79
N SER B 80 -2.30 -14.95 -10.99
CA SER B 80 -1.29 -15.99 -11.20
C SER B 80 -1.69 -17.24 -10.41
N PRO B 81 -1.45 -18.44 -10.95
CA PRO B 81 -1.66 -19.67 -10.17
C PRO B 81 -0.71 -19.74 -8.97
N ALA B 82 0.38 -18.98 -8.97
CA ALA B 82 1.37 -18.95 -7.86
C ALA B 82 1.01 -17.86 -6.86
N SER B 83 0.04 -17.00 -7.17
CA SER B 83 -0.29 -15.82 -6.33
C SER B 83 -1.26 -16.23 -5.21
N ASN B 84 -1.26 -15.48 -4.13
CA ASN B 84 -2.27 -15.57 -3.06
C ASN B 84 -2.63 -14.13 -2.64
N VAL B 85 -3.80 -13.66 -3.07
CA VAL B 85 -4.31 -12.32 -2.70
C VAL B 85 -5.02 -12.47 -1.35
N THR B 86 -4.50 -11.77 -0.35
CA THR B 86 -4.95 -11.78 1.05
C THR B 86 -6.00 -10.68 1.29
N SER B 87 -5.90 -9.58 0.56
CA SER B 87 -6.65 -8.32 0.78
C SER B 87 -6.70 -7.56 -0.54
N HIS B 88 -7.76 -6.80 -0.79
CA HIS B 88 -7.77 -5.76 -1.86
C HIS B 88 -8.59 -4.54 -1.44
N GLN B 89 -8.29 -3.42 -2.08
CA GLN B 89 -9.02 -2.13 -1.98
C GLN B 89 -9.40 -1.71 -3.38
N LEU B 90 -10.65 -1.32 -3.58
CA LEU B 90 -11.23 -0.89 -4.86
C LEU B 90 -11.77 0.51 -4.64
N GLU B 91 -11.48 1.42 -5.57
CA GLU B 91 -12.04 2.79 -5.61
C GLU B 91 -12.59 3.01 -7.01
N GLU B 92 -13.81 3.52 -7.08
CA GLU B 92 -14.47 3.84 -8.35
C GLU B 92 -13.97 5.20 -8.80
N LEU B 93 -13.58 5.33 -10.07
CA LEU B 93 -12.99 6.58 -10.60
C LEU B 93 -13.83 7.14 -11.75
N GLU B 94 -13.58 8.44 -12.06
CA GLU B 94 -14.04 9.04 -13.33
C GLU B 94 -13.28 8.34 -14.46
N LEU B 95 -13.92 8.20 -15.62
CA LEU B 95 -13.26 7.59 -16.78
C LEU B 95 -12.00 8.38 -17.16
N ASN B 96 -10.99 7.65 -17.62
CA ASN B 96 -9.71 8.19 -18.15
C ASN B 96 -9.67 7.93 -19.67
N GLN B 97 -9.94 8.95 -20.50
CA GLN B 97 -10.02 8.76 -21.97
C GLN B 97 -8.62 8.72 -22.61
N LYS B 98 -7.55 8.89 -21.83
CA LYS B 98 -6.17 8.73 -22.35
C LYS B 98 -5.80 7.25 -22.51
N LEU B 99 -6.53 6.33 -21.86
CA LEU B 99 -6.19 4.88 -21.91
C LEU B 99 -6.65 4.33 -23.25
N SER B 100 -5.79 3.56 -23.91
CA SER B 100 -6.10 2.84 -25.17
C SER B 100 -5.66 1.38 -25.13
N ASP B 101 -4.92 0.95 -24.10
CA ASP B 101 -4.45 -0.46 -23.99
C ASP B 101 -4.15 -0.79 -22.52
N PHE B 102 -3.73 -2.05 -22.27
CA PHE B 102 -3.35 -2.54 -20.94
C PHE B 102 -1.84 -2.80 -20.95
N ARG B 103 -1.13 -2.18 -20.01
CA ARG B 103 0.35 -2.14 -19.97
C ARG B 103 0.83 -2.60 -18.60
N SER B 104 1.92 -3.37 -18.58
CA SER B 104 2.70 -3.63 -17.35
C SER B 104 3.76 -2.54 -17.27
N ILE B 105 3.75 -1.76 -16.19
CA ILE B 105 4.69 -0.64 -15.93
C ILE B 105 5.45 -0.92 -14.62
#